data_6GTP
#
_entry.id   6GTP
#
_cell.length_a   58.102
_cell.length_b   58.102
_cell.length_c   216.685
_cell.angle_alpha   90.00
_cell.angle_beta   90.00
_cell.angle_gamma   120.00
#
_symmetry.space_group_name_H-M   'P 65 2 2'
#
loop_
_entity.id
_entity.type
_entity.pdbx_description
1 polymer N-acetyltransferase
2 non-polymer 'ACETYL COENZYME *A'
3 non-polymer 'MAGNESIUM ION'
4 non-polymer 'CHLORIDE ION'
5 water water
#
_entity_poly.entity_id   1
_entity_poly.type   'polypeptide(L)'
_entity_poly.pdbx_seq_one_letter_code
;MGSSHHHHHHSSGENLYFQGASDDLTIEILTDDADYDLQRFDCGEEALNLFLTTHLVRQHRNKILRAYILCRNTPERQVL
GYYTLCGSCFERAALPSKSKQKKIPYKNIPSVTLGRLAIDRSLQGQGWGATLVAHAMNVVWSASLAVGIHGLFVEALNEK
AHTFFKSLGFIPLVGENENALFFPTKSIELLFTQSD
;
_entity_poly.pdbx_strand_id   A
#
loop_
_chem_comp.id
_chem_comp.type
_chem_comp.name
_chem_comp.formula
ACO non-polymer 'ACETYL COENZYME *A' 'C23 H38 N7 O17 P3 S'
CL non-polymer 'CHLORIDE ION' 'Cl -1'
MG non-polymer 'MAGNESIUM ION' 'Mg 2'
#
# COMPACT_ATOMS: atom_id res chain seq x y z
N GLU A 14 25.60 3.02 9.72
CA GLU A 14 25.59 3.31 11.17
C GLU A 14 24.87 2.19 11.97
N ASN A 15 24.63 2.40 13.30
CA ASN A 15 23.84 1.46 14.11
C ASN A 15 22.36 1.81 13.77
N LEU A 16 22.03 1.67 12.46
CA LEU A 16 20.78 1.98 11.80
C LEU A 16 20.03 0.71 11.42
N TYR A 17 18.84 0.54 12.00
CA TYR A 17 17.99 -0.63 11.90
C TYR A 17 16.57 -0.29 11.51
N PHE A 18 15.91 -1.25 10.88
CA PHE A 18 14.52 -1.22 10.53
C PHE A 18 13.87 -2.21 11.48
N GLN A 19 12.76 -1.82 12.08
CA GLN A 19 12.00 -2.62 13.03
C GLN A 19 10.61 -2.88 12.45
N GLY A 20 10.30 -4.16 12.25
CA GLY A 20 9.02 -4.58 11.71
C GLY A 20 8.01 -5.04 12.74
N ALA A 21 6.98 -5.75 12.25
CA ALA A 21 5.89 -6.31 13.05
C ALA A 21 6.41 -7.30 14.08
N SER A 22 5.84 -7.23 15.29
CA SER A 22 6.17 -8.09 16.43
C SER A 22 5.30 -9.34 16.38
N ASP A 23 5.25 -10.07 17.50
CA ASP A 23 4.36 -11.22 17.58
C ASP A 23 3.11 -10.75 18.29
N ASP A 24 3.21 -9.58 18.99
CA ASP A 24 2.11 -8.92 19.64
C ASP A 24 1.24 -8.24 18.56
N LEU A 25 1.87 -7.58 17.56
CA LEU A 25 1.19 -6.92 16.44
C LEU A 25 1.80 -7.44 15.12
N THR A 26 1.12 -8.44 14.49
CA THR A 26 1.57 -9.08 13.24
C THR A 26 0.90 -8.55 11.99
N ILE A 27 1.63 -8.61 10.85
CA ILE A 27 1.11 -8.28 9.52
C ILE A 27 1.02 -9.61 8.78
N GLU A 28 -0.19 -9.98 8.34
CA GLU A 28 -0.43 -11.22 7.59
C GLU A 28 -1.49 -11.01 6.52
N ILE A 29 -1.39 -11.75 5.38
CA ILE A 29 -2.40 -11.74 4.32
C ILE A 29 -3.71 -12.26 4.91
N LEU A 30 -4.84 -11.72 4.44
CA LEU A 30 -6.15 -12.13 4.90
C LEU A 30 -6.34 -13.63 4.73
N THR A 31 -6.74 -14.29 5.82
CA THR A 31 -6.98 -15.72 5.94
C THR A 31 -8.33 -16.14 5.30
N ASP A 32 -8.48 -17.45 5.01
CA ASP A 32 -9.72 -18.04 4.48
C ASP A 32 -10.83 -17.97 5.56
N ASP A 33 -10.53 -18.42 6.77
CA ASP A 33 -11.45 -18.34 7.89
C ASP A 33 -10.95 -17.12 8.63
N ALA A 34 -11.81 -16.17 8.92
CA ALA A 34 -11.29 -14.93 9.52
C ALA A 34 -11.16 -14.72 11.03
N ASP A 35 -12.28 -14.64 11.74
CA ASP A 35 -12.23 -14.37 13.17
C ASP A 35 -11.42 -13.12 13.54
N TYR A 36 -11.62 -12.04 12.80
CA TYR A 36 -10.99 -10.76 13.03
C TYR A 36 -12.05 -9.85 13.66
N ASP A 37 -11.65 -8.98 14.61
CA ASP A 37 -12.57 -8.02 15.20
C ASP A 37 -12.42 -6.71 14.43
N LEU A 38 -13.25 -6.57 13.39
CA LEU A 38 -13.29 -5.42 12.48
C LEU A 38 -14.16 -4.31 13.05
N GLN A 39 -15.05 -4.65 14.00
CA GLN A 39 -16.00 -3.69 14.61
C GLN A 39 -15.35 -2.60 15.48
N ARG A 40 -14.14 -2.82 16.02
CA ARG A 40 -13.47 -1.83 16.88
C ARG A 40 -12.54 -0.88 16.11
N PHE A 41 -12.13 -1.25 14.88
CA PHE A 41 -11.22 -0.44 14.06
C PHE A 41 -11.78 0.94 13.75
N ASP A 42 -10.91 1.96 13.93
CA ASP A 42 -11.17 3.37 13.64
C ASP A 42 -9.89 4.17 13.39
N CYS A 43 -9.66 4.54 12.14
CA CYS A 43 -8.65 5.47 11.70
C CYS A 43 -9.39 6.83 11.58
N GLY A 44 -8.78 7.83 10.96
CA GLY A 44 -9.43 9.12 10.80
C GLY A 44 -10.66 9.13 9.89
N GLU A 45 -10.51 8.58 8.65
CA GLU A 45 -11.48 8.54 7.54
C GLU A 45 -12.55 7.45 7.62
N GLU A 46 -13.83 7.88 7.52
CA GLU A 46 -15.04 7.05 7.51
C GLU A 46 -15.03 6.06 6.32
N ALA A 47 -14.68 6.54 5.11
CA ALA A 47 -14.60 5.74 3.89
C ALA A 47 -13.81 4.43 4.08
N LEU A 48 -12.58 4.53 4.61
CA LEU A 48 -11.70 3.42 4.91
C LEU A 48 -12.21 2.52 6.05
N ASN A 49 -13.16 3.01 6.81
CA ASN A 49 -13.76 2.26 7.89
C ASN A 49 -14.87 1.36 7.35
N LEU A 50 -15.77 1.92 6.55
CA LEU A 50 -16.86 1.20 5.87
C LEU A 50 -16.30 0.15 4.94
N PHE A 51 -15.20 0.49 4.23
CA PHE A 51 -14.58 -0.47 3.34
C PHE A 51 -14.17 -1.72 4.10
N LEU A 52 -13.46 -1.57 5.21
CA LEU A 52 -12.99 -2.70 6.01
C LEU A 52 -14.13 -3.69 6.40
N THR A 53 -15.23 -3.18 6.99
CA THR A 53 -16.33 -3.99 7.48
C THR A 53 -17.34 -4.46 6.44
N THR A 54 -17.39 -3.77 5.32
CA THR A 54 -18.35 -4.02 4.27
C THR A 54 -17.85 -4.62 2.98
N HIS A 55 -16.61 -4.35 2.63
CA HIS A 55 -16.13 -4.78 1.32
C HIS A 55 -14.86 -5.58 1.34
N LEU A 56 -13.94 -5.33 2.29
CA LEU A 56 -12.62 -5.95 2.33
C LEU A 56 -12.62 -7.47 2.21
N VAL A 57 -13.31 -8.17 3.11
CA VAL A 57 -13.35 -9.64 3.15
C VAL A 57 -13.95 -10.21 1.86
N ARG A 58 -15.06 -9.64 1.35
CA ARG A 58 -15.65 -10.21 0.12
C ARG A 58 -14.83 -9.89 -1.15
N GLN A 59 -14.19 -8.72 -1.25
CA GLN A 59 -13.33 -8.36 -2.38
C GLN A 59 -12.04 -9.19 -2.43
N HIS A 60 -11.51 -9.59 -1.25
CA HIS A 60 -10.34 -10.45 -1.13
C HIS A 60 -10.70 -11.88 -1.57
N ARG A 61 -11.82 -12.43 -1.06
CA ARG A 61 -12.32 -13.76 -1.39
C ARG A 61 -12.47 -13.94 -2.91
N ASN A 62 -13.13 -12.96 -3.59
CA ASN A 62 -13.38 -12.98 -5.03
C ASN A 62 -12.18 -12.51 -5.88
N LYS A 63 -11.04 -12.31 -5.20
CA LYS A 63 -9.72 -11.97 -5.75
C LYS A 63 -9.69 -10.65 -6.51
N ILE A 64 -10.58 -9.70 -6.14
CA ILE A 64 -10.63 -8.33 -6.70
C ILE A 64 -9.40 -7.53 -6.21
N LEU A 65 -8.86 -7.90 -5.04
CA LEU A 65 -7.67 -7.32 -4.41
C LEU A 65 -7.05 -8.36 -3.48
N ARG A 66 -5.90 -8.04 -2.92
CA ARG A 66 -5.21 -8.86 -1.94
C ARG A 66 -5.10 -8.02 -0.65
N ALA A 67 -5.80 -8.44 0.41
CA ALA A 67 -5.85 -7.75 1.70
C ALA A 67 -4.84 -8.33 2.68
N TYR A 68 -4.09 -7.44 3.35
CA TYR A 68 -3.08 -7.73 4.36
C TYR A 68 -3.54 -6.98 5.61
N ILE A 69 -3.57 -7.67 6.76
CA ILE A 69 -4.07 -7.10 8.00
C ILE A 69 -2.99 -6.95 9.09
N LEU A 70 -3.10 -5.85 9.88
CA LEU A 70 -2.29 -5.59 11.06
C LEU A 70 -3.20 -5.87 12.27
N CYS A 71 -2.93 -6.95 13.02
CA CYS A 71 -3.81 -7.30 14.14
C CYS A 71 -3.09 -7.68 15.45
N ARG A 72 -3.84 -7.55 16.57
CA ARG A 72 -3.39 -7.77 17.93
C ARG A 72 -2.91 -9.19 18.28
N ASN A 73 -3.12 -10.20 17.43
CA ASN A 73 -2.63 -11.56 17.73
C ASN A 73 -3.05 -12.11 19.13
N THR A 74 -4.22 -11.68 19.62
CA THR A 74 -4.86 -12.09 20.88
C THR A 74 -6.00 -13.05 20.45
N PRO A 75 -6.85 -13.65 21.34
CA PRO A 75 -7.90 -14.55 20.81
C PRO A 75 -8.99 -13.79 20.03
N GLU A 76 -9.35 -12.56 20.50
CA GLU A 76 -10.32 -11.64 19.90
C GLU A 76 -9.86 -11.22 18.48
N ARG A 77 -8.54 -11.18 18.28
CA ARG A 77 -7.92 -10.83 16.99
C ARG A 77 -8.26 -9.46 16.38
N GLN A 78 -8.20 -8.42 17.20
CA GLN A 78 -8.58 -7.05 16.83
C GLN A 78 -7.71 -6.48 15.72
N VAL A 79 -8.35 -6.01 14.63
CA VAL A 79 -7.67 -5.40 13.49
C VAL A 79 -7.36 -3.94 13.80
N LEU A 80 -6.05 -3.58 13.78
CA LEU A 80 -5.56 -2.22 14.10
C LEU A 80 -4.91 -1.48 12.92
N GLY A 81 -5.07 -2.03 11.73
CA GLY A 81 -4.57 -1.50 10.48
C GLY A 81 -4.70 -2.50 9.37
N TYR A 82 -4.65 -2.04 8.10
CA TYR A 82 -4.75 -2.89 6.92
C TYR A 82 -4.25 -2.18 5.68
N TYR A 83 -4.09 -2.94 4.59
CA TYR A 83 -3.72 -2.46 3.27
C TYR A 83 -4.23 -3.44 2.21
N THR A 84 -4.26 -2.98 0.94
CA THR A 84 -4.69 -3.79 -0.20
C THR A 84 -3.70 -3.60 -1.33
N LEU A 85 -3.45 -4.67 -2.09
CA LEU A 85 -2.63 -4.65 -3.30
C LEU A 85 -3.41 -5.21 -4.47
N CYS A 86 -3.22 -4.60 -5.65
CA CYS A 86 -3.86 -5.01 -6.91
CA CYS A 86 -3.84 -5.03 -6.91
C CYS A 86 -3.00 -4.61 -8.10
N GLY A 87 -2.73 -5.54 -8.99
CA GLY A 87 -1.95 -5.26 -10.19
C GLY A 87 -2.54 -4.07 -10.94
N SER A 88 -1.69 -3.17 -11.39
CA SER A 88 -2.12 -1.99 -12.09
C SER A 88 -1.14 -1.69 -13.20
N CYS A 89 -1.34 -0.54 -13.87
CA CYS A 89 -0.51 -0.03 -14.97
C CYS A 89 -0.70 1.44 -15.10
N PHE A 90 0.34 2.13 -15.51
CA PHE A 90 0.25 3.55 -15.82
C PHE A 90 1.12 3.85 -17.04
N GLU A 91 0.78 4.91 -17.78
CA GLU A 91 1.56 5.33 -18.93
C GLU A 91 2.65 6.26 -18.41
N ARG A 92 3.91 5.97 -18.75
CA ARG A 92 5.00 6.83 -18.32
C ARG A 92 5.55 7.59 -19.52
N ALA A 93 5.33 8.90 -19.49
CA ALA A 93 5.82 9.84 -20.51
C ALA A 93 7.30 10.13 -20.27
N ALA A 94 8.03 10.38 -21.36
CA ALA A 94 9.45 10.71 -21.32
C ALA A 94 9.62 12.13 -20.73
N LEU A 95 8.67 13.04 -21.03
CA LEU A 95 8.64 14.41 -20.52
C LEU A 95 7.29 14.66 -19.87
N PRO A 96 7.05 15.71 -19.06
CA PRO A 96 5.69 15.92 -18.52
C PRO A 96 4.70 16.27 -19.66
N SER A 97 3.73 15.39 -19.98
CA SER A 97 2.79 15.65 -21.06
C SER A 97 1.38 16.00 -20.56
N LYS A 98 1.10 17.31 -20.34
CA LYS A 98 -0.19 17.77 -19.81
C LYS A 98 -1.39 17.53 -20.77
N SER A 99 -1.10 17.34 -22.07
CA SER A 99 -2.08 16.99 -23.11
C SER A 99 -1.72 15.58 -23.61
N LYS A 100 -2.51 14.55 -23.18
CA LYS A 100 -2.32 13.13 -23.49
C LYS A 100 -2.00 12.79 -24.98
N GLN A 101 -0.91 12.00 -25.21
CA GLN A 101 -0.41 11.52 -26.51
C GLN A 101 -0.13 12.65 -27.58
N LYS A 102 0.82 13.56 -27.26
CA LYS A 102 1.16 14.67 -28.15
C LYS A 102 2.54 14.48 -28.86
N LYS A 103 2.84 13.22 -29.29
CA LYS A 103 4.07 12.75 -29.96
C LYS A 103 5.30 12.65 -29.00
N ILE A 104 5.02 12.71 -27.66
CA ILE A 104 6.00 12.58 -26.59
C ILE A 104 6.07 11.09 -26.24
N PRO A 105 7.29 10.48 -26.25
CA PRO A 105 7.41 9.04 -25.96
C PRO A 105 6.88 8.57 -24.60
N TYR A 106 6.26 7.38 -24.57
CA TYR A 106 5.69 6.75 -23.39
C TYR A 106 5.69 5.22 -23.47
N LYS A 107 5.99 4.57 -22.34
CA LYS A 107 5.96 3.10 -22.18
C LYS A 107 4.81 2.93 -21.23
N ASN A 108 4.26 1.74 -21.22
CA ASN A 108 3.26 1.34 -20.26
C ASN A 108 4.09 0.70 -19.12
N ILE A 109 3.91 1.19 -17.89
CA ILE A 109 4.67 0.69 -16.74
C ILE A 109 3.85 -0.30 -15.90
N PRO A 110 4.18 -1.62 -15.95
CA PRO A 110 3.46 -2.58 -15.10
C PRO A 110 3.80 -2.35 -13.64
N SER A 111 2.79 -2.11 -12.82
CA SER A 111 2.98 -1.84 -11.41
C SER A 111 1.96 -2.58 -10.53
N VAL A 112 2.07 -2.38 -9.21
CA VAL A 112 1.13 -2.89 -8.23
C VAL A 112 0.58 -1.65 -7.53
N THR A 113 -0.76 -1.51 -7.44
CA THR A 113 -1.38 -0.38 -6.75
C THR A 113 -1.64 -0.70 -5.28
N LEU A 114 -1.16 0.18 -4.39
CA LEU A 114 -1.44 0.14 -2.97
C LEU A 114 -2.78 0.92 -2.90
N GLY A 115 -3.88 0.18 -3.07
CA GLY A 115 -5.25 0.69 -3.14
C GLY A 115 -5.76 1.39 -1.90
N ARG A 116 -5.46 0.80 -0.72
CA ARG A 116 -5.85 1.33 0.59
C ARG A 116 -4.73 1.15 1.63
N LEU A 117 -4.72 2.00 2.65
CA LEU A 117 -3.76 1.97 3.75
C LEU A 117 -4.37 2.78 4.88
N ALA A 118 -4.78 2.09 5.94
CA ALA A 118 -5.39 2.71 7.09
C ALA A 118 -4.85 2.09 8.34
N ILE A 119 -4.60 2.93 9.35
CA ILE A 119 -4.05 2.57 10.66
C ILE A 119 -5.02 3.08 11.72
N ASP A 120 -5.31 2.28 12.75
CA ASP A 120 -6.20 2.71 13.81
C ASP A 120 -5.60 3.94 14.52
N ARG A 121 -6.45 4.92 14.84
CA ARG A 121 -6.07 6.16 15.52
C ARG A 121 -5.13 5.90 16.71
N SER A 122 -5.45 4.87 17.53
CA SER A 122 -4.66 4.46 18.71
C SER A 122 -3.20 4.14 18.38
N LEU A 123 -2.93 3.65 17.15
CA LEU A 123 -1.59 3.28 16.69
C LEU A 123 -0.88 4.27 15.78
N GLN A 124 -1.61 5.25 15.21
CA GLN A 124 -1.09 6.26 14.28
C GLN A 124 0.11 7.08 14.79
N GLY A 125 1.01 7.40 13.86
CA GLY A 125 2.21 8.18 14.14
C GLY A 125 3.25 7.46 14.96
N GLN A 126 3.20 6.13 14.99
CA GLN A 126 4.12 5.30 15.76
C GLN A 126 5.02 4.39 14.88
N GLY A 127 4.96 4.61 13.55
CA GLY A 127 5.74 3.87 12.55
C GLY A 127 5.06 2.67 11.88
N TRP A 128 3.76 2.42 12.18
CA TRP A 128 2.99 1.30 11.62
C TRP A 128 2.61 1.46 10.14
N GLY A 129 2.34 2.69 9.71
CA GLY A 129 2.02 2.99 8.31
C GLY A 129 3.21 2.67 7.43
N ALA A 130 4.40 3.11 7.87
CA ALA A 130 5.68 2.87 7.23
C ALA A 130 6.02 1.38 7.20
N THR A 131 5.76 0.66 8.33
CA THR A 131 6.02 -0.76 8.48
C THR A 131 5.14 -1.58 7.51
N LEU A 132 3.88 -1.14 7.30
CA LEU A 132 2.94 -1.78 6.39
C LEU A 132 3.39 -1.52 4.94
N VAL A 133 3.84 -0.28 4.66
CA VAL A 133 4.41 0.12 3.37
C VAL A 133 5.63 -0.77 3.07
N ALA A 134 6.52 -0.96 4.06
CA ALA A 134 7.70 -1.82 3.95
C ALA A 134 7.31 -3.28 3.65
N HIS A 135 6.21 -3.74 4.24
CA HIS A 135 5.68 -5.07 4.03
C HIS A 135 5.23 -5.25 2.56
N ALA A 136 4.41 -4.29 2.08
CA ALA A 136 3.88 -4.21 0.72
C ALA A 136 5.03 -4.16 -0.28
N MET A 137 6.05 -3.30 -0.04
CA MET A 137 7.24 -3.18 -0.89
C MET A 137 7.93 -4.55 -1.02
N ASN A 138 8.07 -5.28 0.09
CA ASN A 138 8.69 -6.60 0.08
C ASN A 138 7.86 -7.64 -0.68
N VAL A 139 6.50 -7.58 -0.56
CA VAL A 139 5.58 -8.49 -1.28
C VAL A 139 5.74 -8.23 -2.80
N VAL A 140 5.76 -6.93 -3.21
CA VAL A 140 5.92 -6.46 -4.58
C VAL A 140 7.29 -6.88 -5.14
N TRP A 141 8.34 -6.76 -4.34
CA TRP A 141 9.73 -7.13 -4.67
C TRP A 141 9.88 -8.62 -5.08
N SER A 142 9.31 -9.54 -4.28
CA SER A 142 9.35 -10.99 -4.55
C SER A 142 8.57 -11.32 -5.82
N ALA A 143 7.43 -10.64 -6.00
CA ALA A 143 6.56 -10.80 -7.14
C ALA A 143 7.24 -10.26 -8.41
N SER A 144 7.96 -9.11 -8.32
CA SER A 144 8.72 -8.50 -9.42
C SER A 144 9.70 -9.48 -10.00
N LEU A 145 10.41 -10.23 -9.12
CA LEU A 145 11.44 -11.19 -9.51
C LEU A 145 10.86 -12.40 -10.21
N ALA A 146 9.57 -12.65 -10.01
CA ALA A 146 8.88 -13.74 -10.63
C ALA A 146 8.29 -13.35 -11.98
N VAL A 147 7.48 -12.24 -12.01
CA VAL A 147 6.72 -11.85 -13.20
C VAL A 147 7.07 -10.50 -13.85
N GLY A 148 7.91 -9.68 -13.24
CA GLY A 148 8.28 -8.39 -13.83
C GLY A 148 7.31 -7.27 -13.54
N ILE A 149 7.45 -6.68 -12.36
CA ILE A 149 6.67 -5.53 -11.88
C ILE A 149 7.67 -4.42 -11.63
N HIS A 150 7.37 -3.19 -12.06
CA HIS A 150 8.30 -2.08 -12.01
C HIS A 150 8.12 -1.13 -10.84
N GLY A 151 7.20 -1.41 -9.94
CA GLY A 151 7.04 -0.59 -8.75
C GLY A 151 5.71 -0.58 -8.07
N LEU A 152 5.60 0.22 -7.00
CA LEU A 152 4.41 0.36 -6.18
C LEU A 152 3.74 1.72 -6.42
N PHE A 153 2.53 1.69 -6.97
CA PHE A 153 1.77 2.88 -7.30
C PHE A 153 0.78 3.21 -6.19
N VAL A 154 0.52 4.50 -5.94
CA VAL A 154 -0.43 4.94 -4.92
C VAL A 154 -1.01 6.32 -5.30
N GLU A 155 -2.33 6.43 -5.23
CA GLU A 155 -3.05 7.68 -5.49
C GLU A 155 -3.49 8.18 -4.11
N ALA A 156 -2.79 9.19 -3.59
CA ALA A 156 -3.04 9.77 -2.27
C ALA A 156 -4.15 10.84 -2.28
N LEU A 157 -5.30 10.52 -1.68
CA LEU A 157 -6.47 11.41 -1.60
C LEU A 157 -6.16 12.70 -0.78
N ASN A 158 -5.92 12.50 0.54
CA ASN A 158 -5.59 13.47 1.58
C ASN A 158 -4.24 14.15 1.35
N GLU A 159 -4.07 15.35 1.91
CA GLU A 159 -2.78 16.01 1.87
C GLU A 159 -1.85 15.35 2.92
N LYS A 160 -2.42 14.96 4.09
CA LYS A 160 -1.71 14.26 5.16
C LYS A 160 -1.21 12.90 4.65
N ALA A 161 -2.02 12.22 3.82
CA ALA A 161 -1.66 10.93 3.20
C ALA A 161 -0.59 11.14 2.14
N HIS A 162 -0.71 12.25 1.36
CA HIS A 162 0.24 12.56 0.32
C HIS A 162 1.64 12.83 0.87
N THR A 163 1.75 13.64 1.94
CA THR A 163 3.04 13.96 2.55
C THR A 163 3.67 12.69 3.14
N PHE A 164 2.84 11.76 3.70
CA PHE A 164 3.31 10.50 4.28
C PHE A 164 4.06 9.65 3.28
N PHE A 165 3.49 9.47 2.05
CA PHE A 165 4.10 8.67 0.99
C PHE A 165 5.38 9.31 0.48
N LYS A 166 5.37 10.65 0.28
CA LYS A 166 6.51 11.49 -0.15
C LYS A 166 7.72 11.32 0.79
N SER A 167 7.46 11.33 2.11
CA SER A 167 8.43 11.17 3.21
C SER A 167 9.21 9.87 3.10
N LEU A 168 8.51 8.78 2.73
CA LEU A 168 9.04 7.43 2.57
C LEU A 168 9.81 7.23 1.26
N GLY A 169 9.86 8.26 0.42
CA GLY A 169 10.59 8.26 -0.83
C GLY A 169 9.80 7.92 -2.07
N PHE A 170 8.44 8.01 -2.00
CA PHE A 170 7.58 7.77 -3.16
C PHE A 170 7.65 9.00 -4.06
N ILE A 171 8.08 8.81 -5.33
CA ILE A 171 8.20 9.87 -6.34
C ILE A 171 6.80 10.40 -6.71
N PRO A 172 6.46 11.67 -6.40
CA PRO A 172 5.16 12.20 -6.85
C PRO A 172 5.21 12.34 -8.38
N LEU A 173 4.31 11.63 -9.05
CA LEU A 173 4.19 11.64 -10.50
C LEU A 173 3.52 12.92 -10.98
N VAL A 174 3.95 13.44 -12.15
CA VAL A 174 3.40 14.66 -12.78
C VAL A 174 2.47 14.23 -13.92
N GLY A 175 1.21 14.63 -13.82
CA GLY A 175 0.23 14.30 -14.83
C GLY A 175 -1.03 15.11 -14.73
N GLU A 176 -2.08 14.65 -15.45
CA GLU A 176 -3.41 15.28 -15.46
C GLU A 176 -3.96 15.19 -14.05
N ASN A 177 -3.87 13.98 -13.42
CA ASN A 177 -4.18 13.79 -11.99
C ASN A 177 -2.87 14.15 -11.25
N GLU A 178 -2.96 15.02 -10.23
CA GLU A 178 -1.79 15.47 -9.47
C GLU A 178 -1.63 14.84 -8.05
N ASN A 179 -2.17 13.62 -7.83
CA ASN A 179 -2.10 12.96 -6.51
C ASN A 179 -1.44 11.58 -6.48
N ALA A 180 -0.90 11.13 -7.63
CA ALA A 180 -0.25 9.83 -7.77
C ALA A 180 1.22 9.84 -7.37
N LEU A 181 1.70 8.75 -6.77
CA LEU A 181 3.10 8.58 -6.37
C LEU A 181 3.59 7.18 -6.76
N PHE A 182 4.91 7.01 -6.90
CA PHE A 182 5.49 5.75 -7.36
C PHE A 182 6.80 5.43 -6.67
N PHE A 183 6.97 4.18 -6.29
CA PHE A 183 8.19 3.72 -5.66
C PHE A 183 8.75 2.63 -6.55
N PRO A 184 9.83 2.89 -7.29
CA PRO A 184 10.33 1.87 -8.22
C PRO A 184 10.86 0.62 -7.54
N THR A 185 10.85 -0.49 -8.28
CA THR A 185 11.37 -1.78 -7.82
C THR A 185 12.88 -1.66 -7.61
N LYS A 186 13.58 -0.96 -8.53
CA LYS A 186 15.03 -0.69 -8.47
C LYS A 186 15.41 -0.12 -7.09
N SER A 187 14.53 0.78 -6.55
CA SER A 187 14.64 1.38 -5.22
C SER A 187 14.35 0.36 -4.12
N ILE A 188 13.36 -0.54 -4.32
CA ILE A 188 13.05 -1.60 -3.34
C ILE A 188 14.25 -2.55 -3.25
N GLU A 189 14.81 -2.96 -4.42
CA GLU A 189 16.02 -3.79 -4.50
C GLU A 189 17.05 -3.27 -3.51
N LEU A 190 17.41 -1.99 -3.63
CA LEU A 190 18.38 -1.27 -2.79
C LEU A 190 17.99 -1.17 -1.31
N LEU A 191 16.71 -1.35 -0.96
CA LEU A 191 16.28 -1.28 0.45
C LEU A 191 16.63 -2.58 1.16
N PHE A 192 16.36 -3.71 0.48
CA PHE A 192 16.53 -5.07 1.00
C PHE A 192 17.89 -5.69 0.59
N THR A 193 18.68 -4.98 -0.28
CA THR A 193 20.00 -5.34 -0.82
C THR A 193 20.08 -6.74 -1.40
N1A ACO B . 11.91 7.63 11.93
C2A ACO B . 11.64 8.92 11.66
N3A ACO B . 10.49 9.35 11.10
C4A ACO B . 9.51 8.48 10.79
C5A ACO B . 9.72 7.05 11.06
C6A ACO B . 11.00 6.65 11.67
N6A ACO B . 11.29 5.36 11.95
N7A ACO B . 8.60 6.41 10.66
C8A ACO B . 7.75 7.35 10.17
N9A ACO B . 8.29 8.58 10.25
C1B ACO B . 7.64 9.85 9.81
C2B ACO B . 7.05 9.66 8.42
O2B ACO B . 7.60 10.63 7.52
C3B ACO B . 5.54 9.79 8.58
O3B ACO B . 4.98 10.79 7.74
P3B ACO B . 5.23 12.36 8.03
O7A ACO B . 6.73 12.46 8.18
O8A ACO B . 4.68 13.05 6.80
O9A ACO B . 4.46 12.61 9.30
C4B ACO B . 5.30 10.15 10.05
O4B ACO B . 6.57 10.17 10.70
C5B ACO B . 4.39 9.14 10.71
O5B ACO B . 4.54 7.86 10.08
P1A ACO B . 3.64 6.62 10.53
O1A ACO B . 3.57 6.59 12.03
O2A ACO B . 4.11 5.40 9.77
O3A ACO B . 2.18 7.01 9.97
P2A ACO B . 0.88 6.18 10.40
O4A ACO B . 1.33 4.89 11.04
O5A ACO B . -0.05 7.11 11.16
O6A ACO B . 0.19 5.83 8.99
CBP ACO B . -1.51 6.86 7.63
CCP ACO B . -0.04 6.86 8.02
CDP ACO B . -1.83 5.61 6.83
CEP ACO B . -1.83 8.11 6.82
CAP ACO B . -2.36 6.87 8.89
OAP ACO B . -2.19 8.11 9.58
C9P ACO B . -3.80 6.70 8.53
O9P ACO B . -4.29 5.58 8.38
N8P ACO B . -4.51 7.81 8.35
C7P ACO B . -5.95 7.78 8.19
C6P ACO B . -6.37 7.13 6.88
C5P ACO B . -5.66 7.81 5.73
O5P ACO B . -5.35 8.99 5.80
N4P ACO B . -5.38 7.05 4.68
C3P ACO B . -4.86 7.63 3.45
C2P ACO B . -4.03 6.63 2.65
S1P ACO B . -4.16 6.99 0.93
C ACO B . -4.60 5.50 0.34
O ACO B . -3.98 5.03 -0.60
CH3 ACO B . -5.73 4.75 1.00
MG MG C . 1.84 4.00 13.31
CL CL D . 1.46 13.74 -6.81
CL CL E . 11.68 2.46 -24.09
#